data_4WTL
#
_entry.id   4WTL
#
_cell.length_a   140.410
_cell.length_b   140.410
_cell.length_c   92.080
_cell.angle_alpha   90.000
_cell.angle_beta   90.000
_cell.angle_gamma   120.000
#
_symmetry.space_group_name_H-M   'P 65'
#
loop_
_entity.id
_entity.type
_entity.pdbx_description
1 polymer 'RNA TEMPLATE UACC'
2 polymer 'RNA PRIMER GG'
3 polymer 'RNA-directed RNA polymerase'
4 non-polymer 'MANGANESE (II) ION'
5 non-polymer 'CHLORIDE ION'
6 non-polymer "URIDINE-5'-DIPHOSPHATE"
7 non-polymer 1-(2-METHOXY-ETHOXY)-2-{2-[2-(2-METHOXY-ETHOXY]-ETHOXY}-ETHANE
8 non-polymer 2-[3-(2-HYDROXY-1,1-DIHYDROXYMETHYL-ETHYLAMINO)-PROPYLAMINO]-2-HYDROXYMETHYL-PROPANE-1,3-DIOL
9 water water
#
loop_
_entity_poly.entity_id
_entity_poly.type
_entity_poly.pdbx_seq_one_letter_code
_entity_poly.pdbx_strand_id
1 'polyribonucleotide' UACC T
2 'polyribonucleotide' GG P
3 'polypeptide(L)'
;MSSMSYSWTGALITPCGPEEEKLPINPLSNSLLRYHNKVYCTTSKSASQRAKKVTFDRTQVLDAHYDSVLKDIKLAASKV
SARLLTLQQACQLTPPHSARSKYGFGAKEVRSLSGRAVNHIKSVWKDLLEDPQTPIPTTIMAKNEVFCVDPAKGGKKPAR
LIVYPDLGVRVCEKMALYDITQKLPQAVMGASYGFQYSPAQRVEYLLKAWAEKKDPMGFSYDTRHFDSTVTERDIRTEES
IYQACSLPEEARTAIHSLTERLYVGGPMFNSKGQTCGYRRCRASGVLTTSMGNTITCYVKALAACKAAGIVAPTMLVCGD
DLIVISESQGTEEDERNLRAFTEAMTRYSAPPGDPPRPEYDLELITSCSSNVSVALGPRGRRRYYLTRDPTTPLARAAWE
TVRHSPINSWLGNIIQYAPTIWVRMVLMTHFFSILMVQDTLDQNLNFEMYGSVYSVNPLDLPAIIERLHGLDAFSMHTYS
HHELTRVASALRKLGAPPLRVWKSRARAVRASLISRGGKAAVCGRYLFNWAVKTKLKLTPLPEARLLDLSSWFTVGAGGG
DIFHSVSRARPRLEHHHHHH
;
A
#
loop_
_chem_comp.id
_chem_comp.type
_chem_comp.name
_chem_comp.formula
A RNA linking ADENOSINE-5'-MONOPHOSPHATE 'C10 H14 N5 O7 P'
B3P non-polymer 2-[3-(2-HYDROXY-1,1-DIHYDROXYMETHYL-ETHYLAMINO)-PROPYLAMINO]-2-HYDROXYMETHYL-PROPANE-1,3-DIOL 'C11 H26 N2 O6'
C RNA linking CYTIDINE-5'-MONOPHOSPHATE 'C9 H14 N3 O8 P'
CL non-polymer 'CHLORIDE ION' 'Cl -1'
G RNA linking GUANOSINE-5'-MONOPHOSPHATE 'C10 H14 N5 O8 P'
MN non-polymer 'MANGANESE (II) ION' 'Mn 2'
PG6 non-polymer 1-(2-METHOXY-ETHOXY)-2-{2-[2-(2-METHOXY-ETHOXY]-ETHOXY}-ETHANE 'C12 H26 O6'
U RNA linking URIDINE-5'-MONOPHOSPHATE 'C9 H13 N2 O9 P'
UDP RNA linking URIDINE-5'-DIPHOSPHATE 'C9 H14 N2 O12 P2'
#
# COMPACT_ATOMS: atom_id res chain seq x y z
N SER C 2 -25.58 17.14 1.38
CA SER C 2 -25.86 15.68 1.34
C SER C 2 -25.78 15.19 -0.12
N SER C 3 -25.02 14.11 -0.37
CA SER C 3 -24.78 13.65 -1.76
C SER C 3 -24.58 12.14 -1.91
N MET C 4 -24.97 11.60 -3.05
CA MET C 4 -24.72 10.19 -3.34
C MET C 4 -23.28 10.03 -3.87
N SER C 5 -22.60 8.96 -3.42
CA SER C 5 -21.22 8.75 -3.81
C SER C 5 -21.16 8.56 -5.31
N TYR C 6 -22.10 7.77 -5.82
CA TYR C 6 -22.22 7.48 -7.22
C TYR C 6 -23.68 7.47 -7.64
N SER C 7 -23.91 7.60 -8.95
CA SER C 7 -25.14 7.23 -9.60
C SER C 7 -24.76 6.36 -10.79
N TRP C 8 -25.67 5.47 -11.19
CA TRP C 8 -25.38 4.44 -12.20
C TRP C 8 -26.44 4.37 -13.31
N THR C 9 -26.01 4.11 -14.54
CA THR C 9 -26.92 4.07 -15.69
C THR C 9 -27.49 2.67 -15.94
N GLY C 10 -26.84 1.66 -15.40
CA GLY C 10 -27.25 0.29 -15.70
C GLY C 10 -26.29 -0.40 -16.64
N ALA C 11 -25.46 0.37 -17.34
CA ALA C 11 -24.39 -0.23 -18.16
C ALA C 11 -23.38 -0.94 -17.28
N LEU C 12 -22.86 -2.06 -17.77
CA LEU C 12 -21.97 -2.90 -16.98
C LEU C 12 -20.62 -2.23 -16.84
N ILE C 13 -19.94 -2.61 -15.77
CA ILE C 13 -18.53 -2.31 -15.63
C ILE C 13 -17.81 -3.45 -16.33
N THR C 14 -17.25 -3.16 -17.50
CA THR C 14 -16.71 -4.21 -18.34
C THR C 14 -15.20 -4.35 -18.24
N PRO C 15 -14.68 -5.53 -18.61
CA PRO C 15 -13.23 -5.82 -18.57
C PRO C 15 -12.48 -5.15 -19.71
N CYS C 16 -11.15 -5.14 -19.64
CA CYS C 16 -10.33 -4.54 -20.70
C CYS C 16 -10.18 -5.49 -21.87
N GLY C 17 -9.63 -6.67 -21.58
CA GLY C 17 -9.56 -7.76 -22.55
C GLY C 17 -9.98 -9.03 -21.84
N PRO C 18 -9.49 -10.18 -22.31
CA PRO C 18 -9.88 -11.43 -21.68
C PRO C 18 -9.23 -11.54 -20.31
N GLU C 19 -9.97 -11.99 -19.30
CA GLU C 19 -9.43 -12.05 -17.95
C GLU C 19 -8.61 -13.34 -17.78
N GLU C 20 -7.54 -13.26 -16.98
CA GLU C 20 -6.52 -14.31 -16.89
C GLU C 20 -7.11 -15.65 -16.46
N GLU C 21 -6.70 -16.73 -17.13
CA GLU C 21 -7.22 -18.07 -16.85
C GLU C 21 -6.26 -18.90 -15.98
N LYS C 22 -6.79 -19.52 -14.92
CA LYS C 22 -6.04 -20.51 -14.13
C LYS C 22 -5.86 -21.82 -14.89
N LEU C 23 -4.71 -22.47 -14.71
CA LEU C 23 -4.38 -23.66 -15.48
C LEU C 23 -4.50 -24.91 -14.60
N PRO C 24 -4.53 -26.08 -15.22
CA PRO C 24 -4.71 -27.35 -14.46
C PRO C 24 -3.47 -27.74 -13.66
N ILE C 25 -2.31 -27.23 -14.05
CA ILE C 25 -1.09 -27.47 -13.28
C ILE C 25 -0.43 -26.13 -13.04
N ASN C 26 0.08 -25.97 -11.82
CA ASN C 26 0.76 -24.77 -11.34
C ASN C 26 2.21 -25.18 -10.97
N PRO C 27 3.08 -25.29 -11.97
CA PRO C 27 4.31 -26.04 -11.77
C PRO C 27 5.28 -25.34 -10.82
N LEU C 28 5.16 -24.02 -10.66
CA LEU C 28 6.06 -23.28 -9.73
C LEU C 28 5.57 -23.31 -8.27
N SER C 29 4.28 -23.49 -8.06
CA SER C 29 3.74 -23.37 -6.73
C SER C 29 3.04 -24.62 -6.22
N ASN C 30 3.00 -25.69 -7.00
CA ASN C 30 2.27 -26.85 -6.49
C ASN C 30 3.10 -27.68 -5.50
N SER C 31 4.37 -27.32 -5.28
CA SER C 31 5.17 -27.82 -4.18
C SER C 31 5.12 -26.88 -2.94
N LEU C 32 4.59 -25.67 -3.12
CA LEU C 32 4.37 -24.75 -2.02
C LEU C 32 3.10 -25.02 -1.25
N LEU C 33 2.01 -25.22 -1.99
CA LEU C 33 0.73 -25.50 -1.38
C LEU C 33 -0.17 -26.29 -2.32
N ARG C 34 -1.16 -26.95 -1.75
CA ARG C 34 -2.03 -27.88 -2.51
C ARG C 34 -3.42 -27.31 -2.78
N TYR C 35 -3.89 -26.35 -2.00
CA TYR C 35 -5.28 -25.92 -2.15
C TYR C 35 -5.45 -24.72 -3.08
N HIS C 36 -5.12 -24.98 -4.33
CA HIS C 36 -5.19 -24.00 -5.38
C HIS C 36 -6.61 -23.60 -5.70
N ASN C 37 -7.57 -24.46 -5.37
CA ASN C 37 -8.96 -24.12 -5.49
C ASN C 37 -9.29 -22.86 -4.70
N LYS C 38 -8.57 -22.61 -3.61
CA LYS C 38 -8.87 -21.50 -2.70
C LYS C 38 -8.38 -20.14 -3.19
N VAL C 39 -7.52 -20.14 -4.20
CA VAL C 39 -6.82 -18.95 -4.67
C VAL C 39 -7.55 -18.41 -5.90
N TYR C 40 -8.01 -17.18 -5.81
CA TYR C 40 -8.82 -16.60 -6.85
C TYR C 40 -8.38 -15.14 -7.13
N CYS C 41 -8.70 -14.69 -8.32
CA CYS C 41 -8.46 -13.30 -8.74
C CYS C 41 -9.80 -12.56 -8.92
N THR C 42 -9.91 -11.37 -8.32
CA THR C 42 -11.12 -10.55 -8.47
C THR C 42 -11.25 -10.14 -9.94
N THR C 43 -12.47 -10.08 -10.44
CA THR C 43 -12.73 -9.65 -11.82
C THR C 43 -13.91 -8.72 -11.95
N SER C 44 -14.10 -8.23 -13.18
CA SER C 44 -15.20 -7.29 -13.48
C SER C 44 -16.54 -7.92 -13.19
N LYS C 45 -16.60 -9.25 -13.23
CA LYS C 45 -17.78 -10.01 -12.86
C LYS C 45 -18.41 -9.61 -11.53
N SER C 46 -17.59 -9.31 -10.54
CA SER C 46 -18.09 -8.91 -9.22
C SER C 46 -18.18 -7.41 -9.06
N ALA C 47 -17.84 -6.65 -10.10
CA ALA C 47 -17.83 -5.18 -9.99
C ALA C 47 -19.18 -4.57 -9.59
N SER C 48 -20.27 -5.15 -10.07
CA SER C 48 -21.61 -4.61 -9.72
C SER C 48 -21.92 -4.80 -8.26
N GLN C 49 -21.48 -5.92 -7.70
CA GLN C 49 -21.63 -6.14 -6.26
C GLN C 49 -20.85 -5.07 -5.49
N ARG C 50 -19.64 -4.75 -5.92
CA ARG C 50 -18.89 -3.70 -5.23
C ARG C 50 -19.62 -2.34 -5.36
N ALA C 51 -20.04 -2.03 -6.59
CA ALA C 51 -20.74 -0.79 -6.87
C ALA C 51 -21.85 -0.55 -5.85
N LYS C 52 -22.63 -1.59 -5.57
CA LYS C 52 -23.72 -1.50 -4.62
C LYS C 52 -23.25 -1.16 -3.22
N LYS C 53 -22.18 -1.85 -2.77
CA LYS C 53 -21.63 -1.63 -1.44
C LYS C 53 -21.00 -0.25 -1.22
N VAL C 54 -20.60 0.44 -2.29
CA VAL C 54 -19.97 1.79 -2.18
C VAL C 54 -20.88 2.99 -2.57
N THR C 55 -22.11 2.70 -2.98
CA THR C 55 -23.07 3.74 -3.36
C THR C 55 -23.97 4.06 -2.20
N PHE C 56 -23.81 5.24 -1.64
CA PHE C 56 -24.62 5.64 -0.52
C PHE C 56 -24.61 7.16 -0.39
N ASP C 57 -25.50 7.65 0.45
CA ASP C 57 -25.72 9.06 0.66
C ASP C 57 -24.82 9.51 1.78
N ARG C 58 -23.96 10.50 1.53
CA ARG C 58 -23.12 11.05 2.59
C ARG C 58 -23.74 12.33 3.18
N THR C 59 -23.67 12.45 4.49
CA THR C 59 -24.14 13.65 5.15
C THR C 59 -23.15 13.97 6.20
N GLN C 60 -22.32 14.94 5.87
CA GLN C 60 -21.19 15.28 6.63
C GLN C 60 -21.51 16.45 7.53
N VAL C 61 -21.02 16.39 8.76
CA VAL C 61 -21.15 17.46 9.71
C VAL C 61 -19.81 17.72 10.41
N LEU C 62 -19.31 18.94 10.25
CA LEU C 62 -18.02 19.31 10.82
C LEU C 62 -18.18 20.11 12.09
N ASP C 63 -17.10 20.37 12.81
CA ASP C 63 -17.20 21.11 14.05
C ASP C 63 -15.95 21.89 14.27
N ALA C 64 -15.84 22.54 15.42
CA ALA C 64 -14.68 23.34 15.76
C ALA C 64 -13.37 22.58 15.87
N HIS C 65 -13.43 21.29 16.20
CA HIS C 65 -12.22 20.50 16.29
C HIS C 65 -11.61 20.39 14.89
N TYR C 66 -12.44 19.97 13.96
CA TYR C 66 -12.10 19.92 12.56
C TYR C 66 -11.56 21.27 12.09
N ASP C 67 -12.29 22.35 12.36
CA ASP C 67 -11.93 23.68 11.85
C ASP C 67 -10.58 24.08 12.36
N SER C 68 -10.32 23.77 13.62
CA SER C 68 -9.06 24.05 14.26
C SER C 68 -7.86 23.27 13.68
N VAL C 69 -8.08 21.98 13.36
CA VAL C 69 -7.01 21.17 12.82
C VAL C 69 -6.64 21.63 11.41
N LEU C 70 -7.67 21.84 10.59
CA LEU C 70 -7.52 22.29 9.19
C LEU C 70 -6.77 23.60 9.09
N LYS C 71 -7.08 24.49 10.03
CA LYS C 71 -6.36 25.76 10.17
C LYS C 71 -4.88 25.50 10.32
N ASP C 72 -4.50 24.64 11.25
CA ASP C 72 -3.09 24.30 11.50
C ASP C 72 -2.43 23.59 10.33
N ILE C 73 -3.21 22.83 9.59
CA ILE C 73 -2.68 22.13 8.44
C ILE C 73 -2.37 23.12 7.28
N LYS C 74 -3.31 24.01 7.01
CA LYS C 74 -3.09 25.09 6.03
C LYS C 74 -1.86 25.93 6.36
N LEU C 75 -1.73 26.35 7.61
CA LEU C 75 -0.52 27.00 8.05
C LEU C 75 0.75 26.19 7.76
N ALA C 76 0.75 24.91 8.10
CA ALA C 76 1.94 24.07 7.83
C ALA C 76 2.19 23.95 6.35
N ALA C 77 1.13 23.80 5.56
CA ALA C 77 1.21 23.83 4.11
C ALA C 77 1.85 25.13 3.55
N SER C 78 1.62 26.25 4.23
CA SER C 78 2.13 27.53 3.75
C SER C 78 3.65 27.61 3.73
N LYS C 79 4.33 26.75 4.48
CA LYS C 79 5.81 26.71 4.48
C LYS C 79 6.39 25.95 3.26
N VAL C 80 5.54 25.44 2.40
CA VAL C 80 5.98 24.65 1.27
C VAL C 80 6.03 25.52 0.03
N SER C 81 7.14 25.42 -0.69
CA SER C 81 7.26 25.97 -2.04
CA SER C 81 7.23 25.98 -2.03
C SER C 81 7.31 24.83 -3.05
N ALA C 82 6.38 24.82 -4.01
CA ALA C 82 6.33 23.80 -5.05
C ALA C 82 6.31 24.40 -6.47
N ARG C 83 6.81 23.63 -7.42
CA ARG C 83 6.92 24.09 -8.81
C ARG C 83 6.09 23.24 -9.74
N LEU C 84 5.83 23.79 -10.90
CA LEU C 84 5.34 23.00 -11.99
C LEU C 84 6.46 22.07 -12.45
N LEU C 85 6.07 20.88 -12.87
CA LEU C 85 6.88 20.10 -13.77
C LEU C 85 6.66 20.60 -15.21
N THR C 86 7.74 20.59 -15.99
CA THR C 86 7.62 20.75 -17.45
C THR C 86 6.83 19.59 -17.97
N LEU C 87 6.15 19.84 -19.09
CA LEU C 87 5.43 18.84 -19.77
C LEU C 87 6.30 17.61 -19.93
N GLN C 88 7.56 17.85 -20.30
CA GLN C 88 8.42 16.75 -20.65
C GLN C 88 8.81 15.89 -19.42
N GLN C 89 9.14 16.54 -18.30
CA GLN C 89 9.41 15.84 -17.03
C GLN C 89 8.24 15.00 -16.58
N ALA C 90 7.04 15.55 -16.76
CA ALA C 90 5.83 14.84 -16.39
C ALA C 90 5.69 13.64 -17.29
N CYS C 91 5.98 13.81 -18.58
CA CYS C 91 5.96 12.68 -19.52
C CYS C 91 6.87 11.53 -19.07
N GLN C 92 8.07 11.89 -18.62
CA GLN C 92 9.04 10.88 -18.31
CA GLN C 92 9.12 10.97 -18.23
C GLN C 92 8.74 10.14 -17.00
N LEU C 93 7.83 10.67 -16.21
CA LEU C 93 7.40 9.98 -14.99
C LEU C 93 6.27 8.99 -15.25
N THR C 94 5.77 8.93 -16.49
CA THR C 94 4.75 7.96 -16.85
C THR C 94 5.27 6.52 -16.80
N PRO C 95 4.60 5.60 -16.04
CA PRO C 95 5.10 4.21 -16.01
C PRO C 95 5.09 3.58 -17.37
N PRO C 96 6.02 2.64 -17.60
CA PRO C 96 6.21 2.11 -18.94
C PRO C 96 5.00 1.42 -19.54
N HIS C 97 4.08 0.87 -18.74
CA HIS C 97 2.92 0.21 -19.36
C HIS C 97 1.59 0.94 -19.11
N SER C 98 1.69 2.20 -18.68
CA SER C 98 0.53 3.01 -18.39
C SER C 98 -0.46 2.91 -19.53
N ALA C 99 -1.74 2.70 -19.18
CA ALA C 99 -2.80 2.54 -20.17
C ALA C 99 -2.79 3.67 -21.24
N ARG C 100 -2.80 3.25 -22.50
CA ARG C 100 -2.66 4.17 -23.64
C ARG C 100 -3.77 5.21 -23.73
N SER C 101 -3.52 6.30 -24.44
CA SER C 101 -4.55 7.30 -24.71
C SER C 101 -5.59 6.83 -25.72
N LYS C 102 -6.79 7.39 -25.64
CA LYS C 102 -7.78 7.22 -26.72
C LYS C 102 -7.35 8.02 -27.95
N TYR C 103 -6.37 8.91 -27.80
CA TYR C 103 -6.00 9.84 -28.85
C TYR C 103 -4.77 9.41 -29.67
N GLY C 104 -4.51 8.12 -29.75
CA GLY C 104 -3.60 7.58 -30.75
C GLY C 104 -2.16 7.42 -30.34
N PHE C 105 -1.89 7.34 -29.03
CA PHE C 105 -0.55 7.08 -28.54
C PHE C 105 -0.62 6.40 -27.17
N GLY C 106 0.50 5.86 -26.74
CA GLY C 106 0.58 5.11 -25.49
C GLY C 106 1.75 5.60 -24.68
N ALA C 107 2.08 4.86 -23.63
CA ALA C 107 3.14 5.24 -22.69
C ALA C 107 4.48 5.34 -23.37
N LYS C 108 4.75 4.43 -24.30
CA LYS C 108 5.99 4.43 -25.06
C LYS C 108 6.25 5.82 -25.69
N GLU C 109 5.25 6.34 -26.38
CA GLU C 109 5.33 7.63 -27.08
C GLU C 109 5.47 8.77 -26.09
N VAL C 110 4.72 8.69 -24.98
CA VAL C 110 4.81 9.68 -23.95
C VAL C 110 6.21 9.74 -23.39
N ARG C 111 6.75 8.60 -22.96
CA ARG C 111 8.06 8.60 -22.32
C ARG C 111 9.22 8.98 -23.26
N SER C 112 9.08 8.74 -24.55
CA SER C 112 10.11 9.14 -25.51
C SER C 112 9.89 10.55 -26.08
N LEU C 113 8.90 11.28 -25.56
CA LEU C 113 8.55 12.61 -26.04
C LEU C 113 8.27 12.66 -27.54
N SER C 114 7.48 11.71 -28.06
CA SER C 114 7.08 11.75 -29.46
C SER C 114 6.33 13.03 -29.71
N GLY C 115 6.47 13.58 -30.91
CA GLY C 115 5.84 14.85 -31.22
C GLY C 115 4.32 14.85 -31.09
N ARG C 116 3.66 13.80 -31.59
CA ARG C 116 2.20 13.77 -31.55
C ARG C 116 1.67 13.71 -30.10
N ALA C 117 2.39 13.00 -29.22
CA ALA C 117 2.00 12.84 -27.82
C ALA C 117 2.21 14.16 -27.07
N VAL C 118 3.34 14.80 -27.32
CA VAL C 118 3.64 16.09 -26.73
C VAL C 118 2.64 17.15 -27.16
N ASN C 119 2.26 17.13 -28.44
CA ASN C 119 1.30 18.11 -28.95
C ASN C 119 -0.08 17.92 -28.39
N HIS C 120 -0.50 16.68 -28.29
CA HIS C 120 -1.79 16.42 -27.67
C HIS C 120 -1.82 16.92 -26.23
N ILE C 121 -0.76 16.67 -25.49
CA ILE C 121 -0.69 17.02 -24.07
C ILE C 121 -0.61 18.54 -23.88
N LYS C 122 0.03 19.22 -24.82
CA LYS C 122 -0.02 20.68 -24.88
C LYS C 122 -1.43 21.21 -24.94
N SER C 123 -2.27 20.63 -25.78
CA SER C 123 -3.66 21.10 -25.91
C SER C 123 -4.52 20.72 -24.72
N VAL C 124 -4.18 19.62 -24.02
CA VAL C 124 -4.89 19.26 -22.81
C VAL C 124 -4.60 20.26 -21.74
N TRP C 125 -3.33 20.55 -21.53
CA TRP C 125 -2.92 21.58 -20.59
C TRP C 125 -3.50 22.98 -20.87
N LYS C 126 -3.45 23.42 -22.12
CA LYS C 126 -4.03 24.72 -22.45
C LYS C 126 -5.51 24.73 -22.08
N ASP C 127 -6.23 23.67 -22.47
CA ASP C 127 -7.66 23.53 -22.17
C ASP C 127 -8.00 23.49 -20.67
N LEU C 128 -7.05 23.03 -19.83
CA LEU C 128 -7.20 23.07 -18.37
C LEU C 128 -7.05 24.51 -17.87
N LEU C 129 -6.08 25.23 -18.42
CA LEU C 129 -5.90 26.61 -18.05
C LEU C 129 -7.12 27.48 -18.46
N GLU C 130 -7.81 27.11 -19.53
CA GLU C 130 -8.86 27.95 -20.11
C GLU C 130 -10.29 27.56 -19.76
N ASP C 131 -10.55 26.28 -19.47
CA ASP C 131 -11.89 25.85 -19.09
C ASP C 131 -11.80 25.29 -17.68
N PRO C 132 -12.36 26.01 -16.69
CA PRO C 132 -12.24 25.58 -15.32
C PRO C 132 -13.42 24.75 -14.85
N GLN C 133 -14.22 24.21 -15.76
CA GLN C 133 -15.57 23.78 -15.42
C GLN C 133 -16.06 22.48 -16.06
N THR C 134 -15.77 22.26 -17.34
CA THR C 134 -16.37 21.13 -18.03
C THR C 134 -15.86 19.80 -17.43
N PRO C 135 -16.77 18.93 -17.00
CA PRO C 135 -16.31 17.69 -16.38
C PRO C 135 -15.43 16.87 -17.33
N ILE C 136 -14.30 16.38 -16.82
CA ILE C 136 -13.43 15.50 -17.61
C ILE C 136 -13.92 14.06 -17.53
N PRO C 137 -14.11 13.41 -18.68
CA PRO C 137 -14.56 12.01 -18.64
C PRO C 137 -13.50 11.05 -18.01
N THR C 138 -13.99 9.96 -17.42
CA THR C 138 -13.16 8.93 -16.78
C THR C 138 -13.59 7.59 -17.23
N THR C 139 -12.68 6.61 -17.09
CA THR C 139 -12.99 5.21 -17.33
C THR C 139 -13.11 4.53 -15.96
N ILE C 140 -14.09 3.63 -15.82
CA ILE C 140 -14.21 2.88 -14.57
C ILE C 140 -13.84 1.46 -14.88
N MET C 141 -12.97 0.90 -14.05
CA MET C 141 -12.48 -0.48 -14.22
CA MET C 141 -12.57 -0.49 -14.21
C MET C 141 -12.44 -1.20 -12.87
N ALA C 142 -12.58 -2.52 -12.95
CA ALA C 142 -12.41 -3.41 -11.81
C ALA C 142 -10.94 -3.75 -11.59
N LYS C 143 -10.46 -3.66 -10.36
CA LYS C 143 -9.09 -4.12 -10.05
C LYS C 143 -9.04 -5.64 -10.06
N ASN C 144 -8.01 -6.19 -10.68
CA ASN C 144 -7.74 -7.64 -10.62
C ASN C 144 -6.68 -7.91 -9.59
N GLU C 145 -7.07 -8.57 -8.50
CA GLU C 145 -6.07 -8.93 -7.51
C GLU C 145 -6.47 -10.23 -6.87
N VAL C 146 -5.49 -10.83 -6.18
CA VAL C 146 -5.57 -12.22 -5.77
C VAL C 146 -5.68 -12.36 -4.27
N PHE C 147 -6.55 -13.27 -3.84
CA PHE C 147 -6.81 -13.53 -2.45
C PHE C 147 -7.06 -15.04 -2.25
N CYS C 148 -7.07 -15.45 -0.98
CA CYS C 148 -7.53 -16.77 -0.57
C CYS C 148 -8.99 -16.67 -0.14
N VAL C 149 -9.84 -17.56 -0.63
CA VAL C 149 -11.25 -17.57 -0.21
C VAL C 149 -11.37 -17.57 1.30
N ASP C 150 -12.36 -16.86 1.82
CA ASP C 150 -12.62 -16.80 3.28
C ASP C 150 -14.09 -17.15 3.56
N PRO C 151 -14.35 -18.37 4.07
CA PRO C 151 -15.76 -18.75 4.32
C PRO C 151 -16.50 -17.74 5.24
N ALA C 152 -15.87 -17.37 6.35
CA ALA C 152 -16.42 -16.40 7.29
C ALA C 152 -16.90 -15.11 6.61
N LYS C 153 -16.01 -14.51 5.81
CA LYS C 153 -16.25 -13.21 5.19
C LYS C 153 -16.91 -13.29 3.81
N GLY C 154 -17.76 -14.30 3.60
CA GLY C 154 -18.53 -14.37 2.37
C GLY C 154 -17.97 -15.18 1.22
N GLY C 155 -16.79 -15.78 1.38
CA GLY C 155 -16.17 -16.52 0.26
C GLY C 155 -15.23 -15.63 -0.54
N LYS C 156 -15.72 -15.04 -1.63
CA LYS C 156 -14.92 -14.18 -2.52
C LYS C 156 -15.23 -12.67 -2.41
N LYS C 157 -14.18 -11.86 -2.26
CA LYS C 157 -14.30 -10.40 -2.21
C LYS C 157 -14.62 -9.83 -3.59
N PRO C 158 -15.55 -8.88 -3.68
CA PRO C 158 -15.78 -8.21 -4.96
C PRO C 158 -14.59 -7.30 -5.36
N ALA C 159 -14.32 -7.15 -6.66
CA ALA C 159 -13.28 -6.25 -7.17
C ALA C 159 -13.51 -4.78 -6.76
N ARG C 160 -12.46 -4.11 -6.32
CA ARG C 160 -12.54 -2.66 -6.11
C ARG C 160 -12.68 -1.91 -7.44
N LEU C 161 -13.18 -0.70 -7.35
CA LEU C 161 -13.42 0.11 -8.52
C LEU C 161 -12.29 1.11 -8.67
N ILE C 162 -11.73 1.16 -9.87
CA ILE C 162 -10.62 2.04 -10.19
C ILE C 162 -11.19 3.07 -11.20
N VAL C 163 -10.92 4.35 -10.98
CA VAL C 163 -11.49 5.43 -11.85
C VAL C 163 -10.39 6.38 -12.26
N TYR C 164 -10.15 6.50 -13.56
CA TYR C 164 -9.03 7.30 -14.03
C TYR C 164 -9.33 8.03 -15.35
N PRO C 165 -8.64 9.15 -15.59
CA PRO C 165 -8.84 9.90 -16.84
C PRO C 165 -7.84 9.45 -17.89
N ASP C 166 -7.97 10.02 -19.08
CA ASP C 166 -7.08 9.67 -20.19
C ASP C 166 -5.62 9.92 -19.85
N LEU C 167 -4.74 9.13 -20.44
CA LEU C 167 -3.32 9.28 -20.28
C LEU C 167 -2.86 10.76 -20.42
N GLY C 168 -3.35 11.46 -21.44
CA GLY C 168 -3.03 12.90 -21.59
C GLY C 168 -3.31 13.75 -20.38
N VAL C 169 -4.46 13.52 -19.74
CA VAL C 169 -4.80 14.19 -18.51
C VAL C 169 -3.87 13.76 -17.35
N ARG C 170 -3.51 12.47 -17.32
CA ARG C 170 -2.65 11.96 -16.23
C ARG C 170 -1.29 12.65 -16.25
N VAL C 171 -0.78 12.94 -17.46
CA VAL C 171 0.47 13.66 -17.54
C VAL C 171 0.30 15.07 -16.99
N CYS C 172 -0.75 15.75 -17.42
CA CYS C 172 -1.04 17.10 -16.89
C CYS C 172 -1.12 17.14 -15.37
N GLU C 173 -1.74 16.10 -14.77
CA GLU C 173 -1.84 16.10 -13.31
C GLU C 173 -0.47 16.22 -12.70
N LYS C 174 0.49 15.50 -13.28
CA LYS C 174 1.85 15.54 -12.75
C LYS C 174 2.45 16.92 -12.92
N MET C 175 2.16 17.55 -14.05
CA MET C 175 2.75 18.88 -14.29
C MET C 175 2.36 19.81 -13.14
N ALA C 176 1.07 19.80 -12.81
CA ALA C 176 0.49 20.67 -11.77
C ALA C 176 0.85 20.28 -10.34
N LEU C 177 0.83 18.96 -10.07
CA LEU C 177 0.78 18.45 -8.69
C LEU C 177 1.86 17.48 -8.27
N TYR C 178 2.71 17.02 -9.20
CA TYR C 178 3.72 16.03 -8.79
C TYR C 178 4.62 16.55 -7.69
N ASP C 179 5.09 17.79 -7.81
CA ASP C 179 6.00 18.34 -6.83
C ASP C 179 5.33 18.43 -5.45
N ILE C 180 4.07 18.83 -5.45
CA ILE C 180 3.29 18.87 -4.21
C ILE C 180 3.23 17.46 -3.59
N THR C 181 2.98 16.43 -4.40
CA THR C 181 2.94 15.05 -3.82
C THR C 181 4.23 14.66 -3.15
N GLN C 182 5.35 15.21 -3.59
CA GLN C 182 6.64 14.90 -3.02
C GLN C 182 6.97 15.67 -1.75
N LYS C 183 6.20 16.71 -1.42
CA LYS C 183 6.57 17.63 -0.37
C LYS C 183 5.50 17.91 0.72
N LEU C 184 4.24 17.99 0.30
CA LEU C 184 3.15 18.43 1.16
C LEU C 184 2.85 17.47 2.32
N PRO C 185 2.68 16.16 2.05
CA PRO C 185 2.34 15.25 3.17
C PRO C 185 3.36 15.32 4.30
N GLN C 186 4.63 15.26 3.96
CA GLN C 186 5.69 15.36 4.95
C GLN C 186 5.71 16.71 5.67
N ALA C 187 5.39 17.79 4.96
CA ALA C 187 5.37 19.11 5.58
C ALA C 187 4.22 19.26 6.58
N VAL C 188 3.06 18.69 6.28
CA VAL C 188 1.92 18.87 7.18
C VAL C 188 1.79 17.80 8.27
N MET C 189 2.42 16.64 8.10
CA MET C 189 2.29 15.54 9.07
C MET C 189 3.56 15.19 9.81
N GLY C 190 4.70 15.56 9.25
CA GLY C 190 5.99 15.33 9.91
C GLY C 190 6.20 13.84 10.11
N ALA C 191 6.61 13.47 11.30
CA ALA C 191 6.85 12.08 11.62
C ALA C 191 5.59 11.17 11.53
N SER C 192 4.39 11.75 11.45
CA SER C 192 3.18 10.97 11.35
C SER C 192 2.96 10.39 9.97
N TYR C 193 3.69 10.91 8.97
CA TYR C 193 3.54 10.49 7.60
C TYR C 193 4.13 9.10 7.49
N GLY C 194 3.27 8.12 7.28
CA GLY C 194 3.68 6.70 7.41
C GLY C 194 4.47 6.16 6.23
N PHE C 195 4.30 6.77 5.07
N PHE C 195 4.27 6.71 5.04
CA PHE C 195 4.87 6.30 3.84
CA PHE C 195 4.93 6.21 3.82
C PHE C 195 6.39 6.43 3.80
C PHE C 195 6.37 6.68 3.68
N GLN C 196 6.98 7.11 4.77
CA GLN C 196 8.42 7.41 4.75
C GLN C 196 9.26 6.33 5.44
N TYR C 197 8.62 5.26 5.95
CA TYR C 197 9.33 4.34 6.82
C TYR C 197 9.47 2.95 6.21
N SER C 198 10.65 2.38 6.38
CA SER C 198 10.86 0.95 6.13
C SER C 198 10.19 0.17 7.25
N PRO C 199 10.00 -1.14 7.04
CA PRO C 199 9.37 -1.95 8.09
C PRO C 199 10.07 -1.78 9.43
N ALA C 200 11.40 -1.83 9.45
CA ALA C 200 12.13 -1.66 10.74
C ALA C 200 11.93 -0.28 11.34
N GLN C 201 11.88 0.74 10.49
CA GLN C 201 11.73 2.11 10.96
C GLN C 201 10.31 2.32 11.51
N ARG C 202 9.32 1.65 10.90
CA ARG C 202 7.93 1.75 11.35
CA ARG C 202 7.94 1.77 11.36
C ARG C 202 7.85 1.15 12.74
N VAL C 203 8.47 -0.02 12.90
CA VAL C 203 8.55 -0.69 14.17
C VAL C 203 9.21 0.21 15.23
N GLU C 204 10.37 0.78 14.90
CA GLU C 204 11.10 1.66 15.82
C GLU C 204 10.22 2.85 16.30
N TYR C 205 9.51 3.44 15.35
CA TYR C 205 8.61 4.54 15.59
C TYR C 205 7.51 4.18 16.56
N LEU C 206 6.87 3.02 16.34
CA LEU C 206 5.78 2.59 17.21
C LEU C 206 6.30 2.28 18.60
N LEU C 207 7.44 1.59 18.71
CA LEU C 207 8.06 1.29 20.00
C LEU C 207 8.43 2.58 20.73
N LYS C 208 9.00 3.52 20.01
CA LYS C 208 9.33 4.82 20.58
C LYS C 208 8.11 5.50 21.15
N ALA C 209 7.04 5.55 20.38
CA ALA C 209 5.79 6.17 20.82
C ALA C 209 5.22 5.50 22.06
N TRP C 210 5.30 4.17 22.08
CA TRP C 210 4.77 3.35 23.18
C TRP C 210 5.54 3.58 24.48
N ALA C 211 6.86 3.62 24.37
CA ALA C 211 7.72 3.84 25.52
C ALA C 211 7.62 5.24 26.09
N GLU C 212 7.21 6.21 25.28
CA GLU C 212 7.10 7.60 25.71
C GLU C 212 5.92 7.84 26.63
N LYS C 213 4.88 7.02 26.52
CA LYS C 213 3.71 7.24 27.35
C LYS C 213 3.94 6.62 28.71
N LYS C 214 3.45 7.27 29.75
CA LYS C 214 3.53 6.71 31.08
C LYS C 214 2.68 5.43 31.13
N ASP C 215 1.51 5.45 30.48
CA ASP C 215 0.58 4.32 30.47
C ASP C 215 -0.10 4.23 29.11
N PRO C 216 0.54 3.56 28.14
CA PRO C 216 0.10 3.63 26.77
C PRO C 216 -1.19 2.89 26.48
N MET C 217 -1.95 3.42 25.55
CA MET C 217 -3.04 2.74 24.94
C MET C 217 -2.89 2.97 23.48
N GLY C 218 -3.17 1.96 22.67
CA GLY C 218 -3.12 2.11 21.23
C GLY C 218 -4.35 1.59 20.57
N PHE C 219 -4.68 2.15 19.43
CA PHE C 219 -5.70 1.58 18.59
C PHE C 219 -5.41 1.86 17.10
N SER C 220 -6.02 1.05 16.23
CA SER C 220 -5.96 1.22 14.79
C SER C 220 -7.35 1.61 14.28
N TYR C 221 -7.41 2.23 13.11
CA TYR C 221 -8.68 2.60 12.51
C TYR C 221 -8.50 2.52 11.00
N ASP C 222 -9.56 2.12 10.33
CA ASP C 222 -9.59 2.11 8.91
C ASP C 222 -11.01 2.45 8.52
N THR C 223 -11.17 3.30 7.49
CA THR C 223 -12.48 3.71 7.04
C THR C 223 -13.02 2.68 6.08
N ARG C 224 -14.31 2.38 6.20
CA ARG C 224 -14.99 1.52 5.22
C ARG C 224 -15.16 2.23 3.87
N HIS C 225 -14.57 1.66 2.80
CA HIS C 225 -14.69 2.17 1.45
C HIS C 225 -14.31 3.65 1.36
N PHE C 226 -13.08 3.97 1.77
CA PHE C 226 -12.69 5.36 2.01
C PHE C 226 -13.00 6.27 0.82
N ASP C 227 -12.68 5.83 -0.40
CA ASP C 227 -12.85 6.72 -1.55
C ASP C 227 -14.28 7.24 -1.68
N SER C 228 -15.23 6.31 -1.51
CA SER C 228 -16.67 6.59 -1.58
C SER C 228 -17.17 7.54 -0.50
N THR C 229 -16.43 7.62 0.61
CA THR C 229 -16.79 8.48 1.75
C THR C 229 -16.25 9.87 1.60
N VAL C 230 -15.34 10.05 0.67
CA VAL C 230 -14.74 11.37 0.46
C VAL C 230 -15.79 12.26 -0.23
N THR C 231 -16.11 13.38 0.40
CA THR C 231 -17.15 14.27 -0.16
C THR C 231 -16.62 15.29 -1.16
N GLU C 232 -17.52 15.88 -1.95
CA GLU C 232 -17.13 17.01 -2.80
C GLU C 232 -16.40 18.07 -2.02
N ARG C 233 -16.90 18.39 -0.83
CA ARG C 233 -16.27 19.40 0.01
C ARG C 233 -14.88 19.04 0.56
N ASP C 234 -14.70 17.78 0.96
CA ASP C 234 -13.36 17.29 1.31
C ASP C 234 -12.39 17.57 0.16
N ILE C 235 -12.83 17.36 -1.06
CA ILE C 235 -11.95 17.49 -2.22
C ILE C 235 -11.61 18.94 -2.52
N ARG C 236 -12.57 19.84 -2.28
CA ARG C 236 -12.29 21.27 -2.41
C ARG C 236 -11.43 21.72 -1.29
N THR C 237 -11.62 21.13 -0.11
CA THR C 237 -10.71 21.39 0.99
C THR C 237 -9.30 20.89 0.68
N GLU C 238 -9.16 19.69 0.11
CA GLU C 238 -7.85 19.28 -0.38
C GLU C 238 -7.25 20.40 -1.28
N GLU C 239 -8.03 20.92 -2.22
CA GLU C 239 -7.49 21.99 -3.09
C GLU C 239 -7.00 23.16 -2.25
N SER C 240 -7.85 23.58 -1.33
CA SER C 240 -7.49 24.72 -0.48
C SER C 240 -6.22 24.44 0.28
N ILE C 241 -5.96 23.18 0.61
CA ILE C 241 -4.69 22.88 1.26
C ILE C 241 -3.54 22.93 0.25
N TYR C 242 -3.73 22.43 -0.97
CA TYR C 242 -2.66 22.52 -2.00
C TYR C 242 -2.37 24.02 -2.32
N GLN C 243 -3.44 24.78 -2.49
CA GLN C 243 -3.33 26.22 -2.78
C GLN C 243 -2.68 27.03 -1.66
N ALA C 244 -2.54 26.46 -0.46
CA ALA C 244 -1.84 27.18 0.61
C ALA C 244 -0.33 27.15 0.44
N CYS C 245 0.17 26.25 -0.40
CA CYS C 245 1.58 26.24 -0.68
C CYS C 245 1.91 27.50 -1.47
N SER C 246 3.18 27.85 -1.54
CA SER C 246 3.63 28.82 -2.52
C SER C 246 3.80 28.14 -3.89
N LEU C 247 2.95 28.56 -4.82
CA LEU C 247 2.85 28.00 -6.16
C LEU C 247 2.91 29.15 -7.18
N PRO C 248 3.44 28.90 -8.39
CA PRO C 248 3.30 29.85 -9.48
C PRO C 248 1.87 29.87 -9.95
N GLU C 249 1.48 30.98 -10.53
CA GLU C 249 0.08 31.26 -10.81
C GLU C 249 -0.50 30.22 -11.73
N GLU C 250 0.29 29.75 -12.67
CA GLU C 250 -0.21 28.81 -13.67
C GLU C 250 -0.62 27.44 -13.04
N ALA C 251 0.13 27.03 -12.03
CA ALA C 251 -0.18 25.79 -11.26
C ALA C 251 -1.48 25.97 -10.45
N ARG C 252 -1.62 27.13 -9.82
CA ARG C 252 -2.85 27.48 -9.11
C ARG C 252 -4.04 27.25 -9.99
N THR C 253 -3.94 27.71 -11.25
CA THR C 253 -5.05 27.63 -12.20
C THR C 253 -5.34 26.20 -12.65
N ALA C 254 -4.28 25.45 -12.97
CA ALA C 254 -4.46 24.05 -13.34
C ALA C 254 -5.02 23.21 -12.17
N ILE C 255 -4.54 23.49 -10.98
CA ILE C 255 -4.97 22.73 -9.77
C ILE C 255 -6.46 22.95 -9.51
N HIS C 256 -6.89 24.19 -9.68
CA HIS C 256 -8.29 24.51 -9.54
C HIS C 256 -9.14 23.84 -10.61
N SER C 257 -8.65 23.83 -11.83
CA SER C 257 -9.40 23.20 -12.91
C SER C 257 -9.46 21.67 -12.77
N LEU C 258 -8.32 21.09 -12.47
CA LEU C 258 -8.30 19.68 -12.15
C LEU C 258 -9.33 19.35 -11.04
N THR C 259 -9.34 20.14 -9.97
CA THR C 259 -10.27 19.90 -8.85
C THR C 259 -11.73 19.94 -9.30
N GLU C 260 -12.13 21.05 -9.92
CA GLU C 260 -13.52 21.18 -10.38
C GLU C 260 -13.95 20.24 -11.49
N ARG C 261 -13.04 19.91 -12.39
CA ARG C 261 -13.42 19.13 -13.57
C ARG C 261 -13.20 17.64 -13.42
N LEU C 262 -12.29 17.26 -12.52
CA LEU C 262 -11.91 15.83 -12.34
C LEU C 262 -12.01 15.34 -10.89
N TYR C 263 -11.35 15.99 -9.96
CA TYR C 263 -11.22 15.42 -8.61
C TYR C 263 -12.55 15.42 -7.85
N VAL C 264 -13.36 16.50 -7.98
CA VAL C 264 -14.62 16.56 -7.23
C VAL C 264 -15.65 15.62 -7.77
N GLY C 265 -15.48 15.16 -8.98
CA GLY C 265 -16.47 14.29 -9.60
C GLY C 265 -16.44 14.36 -11.11
N GLY C 266 -17.39 13.66 -11.72
CA GLY C 266 -17.49 13.52 -13.15
C GLY C 266 -18.16 12.22 -13.64
N PRO C 267 -18.47 12.18 -14.95
CA PRO C 267 -19.05 11.01 -15.57
C PRO C 267 -18.01 9.92 -15.81
N MET C 268 -18.50 8.68 -15.74
CA MET C 268 -17.71 7.48 -15.85
C MET C 268 -18.22 6.67 -17.00
N PHE C 269 -17.28 6.17 -17.81
CA PHE C 269 -17.55 5.30 -18.92
C PHE C 269 -16.86 3.97 -18.68
N ASN C 270 -17.52 2.89 -19.10
CA ASN C 270 -16.91 1.58 -19.07
C ASN C 270 -15.95 1.45 -20.23
N SER C 271 -15.25 0.34 -20.28
CA SER C 271 -14.23 0.12 -21.30
C SER C 271 -14.79 0.04 -22.73
N LYS C 272 -16.09 -0.22 -22.87
CA LYS C 272 -16.74 -0.26 -24.19
C LYS C 272 -17.21 1.13 -24.63
N GLY C 273 -16.86 2.17 -23.88
CA GLY C 273 -17.28 3.52 -24.24
C GLY C 273 -18.67 3.96 -23.72
N GLN C 274 -19.40 3.06 -23.07
CA GLN C 274 -20.77 3.40 -22.65
C GLN C 274 -20.78 4.21 -21.38
N THR C 275 -21.72 5.13 -21.25
CA THR C 275 -21.89 5.84 -19.99
C THR C 275 -22.28 4.84 -18.90
N CYS C 276 -21.61 4.95 -17.76
CA CYS C 276 -21.76 3.97 -16.70
C CYS C 276 -22.36 4.59 -15.45
N GLY C 277 -21.92 5.81 -15.16
CA GLY C 277 -22.37 6.51 -14.00
C GLY C 277 -21.78 7.88 -13.83
N TYR C 278 -22.05 8.47 -12.68
CA TYR C 278 -21.48 9.76 -12.28
C TYR C 278 -20.93 9.63 -10.88
N ARG C 279 -19.78 10.24 -10.65
CA ARG C 279 -19.07 10.13 -9.39
C ARG C 279 -19.07 11.45 -8.66
N ARG C 280 -19.29 11.41 -7.33
CA ARG C 280 -19.17 12.60 -6.47
C ARG C 280 -18.27 12.33 -5.25
N CYS C 281 -17.17 11.62 -5.54
CA CYS C 281 -16.24 11.21 -4.49
C CYS C 281 -14.83 11.01 -5.08
N ARG C 282 -13.92 10.47 -4.27
CA ARG C 282 -12.55 10.23 -4.75
C ARG C 282 -12.59 9.27 -5.93
N ALA C 283 -11.90 9.68 -7.00
CA ALA C 283 -11.54 8.78 -8.06
C ALA C 283 -10.18 8.14 -7.72
N SER C 284 -10.18 6.85 -7.42
CA SER C 284 -8.95 6.17 -7.08
C SER C 284 -8.30 5.80 -8.41
N GLY C 285 -7.17 6.45 -8.69
CA GLY C 285 -6.60 6.44 -10.02
C GLY C 285 -6.09 7.83 -10.44
N VAL C 286 -6.57 8.90 -9.79
CA VAL C 286 -6.01 10.23 -10.02
C VAL C 286 -4.72 10.36 -9.20
N LEU C 287 -3.90 11.32 -9.62
CA LEU C 287 -2.59 11.52 -9.05
C LEU C 287 -2.63 11.74 -7.59
N THR C 288 -3.70 12.42 -7.17
CA THR C 288 -3.84 12.90 -5.81
C THR C 288 -4.47 11.84 -4.90
N THR C 289 -4.60 10.62 -5.38
CA THR C 289 -5.26 9.57 -4.57
C THR C 289 -4.57 9.36 -3.25
N SER C 290 -3.27 9.09 -3.28
CA SER C 290 -2.55 8.77 -2.06
CA SER C 290 -2.53 8.77 -2.05
C SER C 290 -2.36 9.98 -1.16
N MET C 291 -1.94 11.11 -1.75
CA MET C 291 -1.71 12.31 -0.96
C MET C 291 -3.04 12.78 -0.38
N GLY C 292 -4.06 12.83 -1.22
CA GLY C 292 -5.40 13.25 -0.79
C GLY C 292 -5.96 12.34 0.30
N ASN C 293 -5.86 11.02 0.09
CA ASN C 293 -6.35 10.08 1.12
C ASN C 293 -5.65 10.28 2.44
N THR C 294 -4.33 10.48 2.40
CA THR C 294 -3.56 10.50 3.60
C THR C 294 -3.79 11.81 4.40
N ILE C 295 -3.86 12.91 3.66
CA ILE C 295 -4.05 14.19 4.30
C ILE C 295 -5.47 14.34 4.87
N THR C 296 -6.48 13.94 4.11
CA THR C 296 -7.86 14.05 4.55
C THR C 296 -8.16 13.06 5.72
N CYS C 297 -7.60 11.84 5.61
CA CYS C 297 -7.55 10.95 6.82
C CYS C 297 -6.91 11.63 8.01
N TYR C 298 -5.75 12.28 7.82
CA TYR C 298 -5.08 12.93 8.92
C TYR C 298 -5.91 14.06 9.57
N VAL C 299 -6.55 14.89 8.72
CA VAL C 299 -7.40 15.99 9.20
C VAL C 299 -8.55 15.47 10.08
N LYS C 300 -9.31 14.54 9.54
CA LYS C 300 -10.43 13.93 10.24
C LYS C 300 -9.98 13.26 11.52
N ALA C 301 -8.96 12.42 11.42
CA ALA C 301 -8.52 11.63 12.56
C ALA C 301 -7.96 12.48 13.67
N LEU C 302 -7.20 13.53 13.33
CA LEU C 302 -6.65 14.39 14.38
C LEU C 302 -7.77 15.19 15.09
N ALA C 303 -8.72 15.65 14.31
CA ALA C 303 -9.92 16.32 14.82
C ALA C 303 -10.73 15.39 15.70
N ALA C 304 -10.94 14.15 15.25
CA ALA C 304 -11.65 13.14 16.05
C ALA C 304 -10.95 12.79 17.35
N CYS C 305 -9.61 12.78 17.37
CA CYS C 305 -8.83 12.62 18.61
C CYS C 305 -9.15 13.73 19.60
N LYS C 306 -9.19 14.97 19.11
CA LYS C 306 -9.54 16.10 19.96
C LYS C 306 -10.99 15.99 20.43
N ALA C 307 -11.89 15.70 19.51
CA ALA C 307 -13.29 15.49 19.86
C ALA C 307 -13.46 14.42 20.96
N ALA C 308 -12.65 13.36 20.89
CA ALA C 308 -12.78 12.20 21.82
C ALA C 308 -12.01 12.38 23.12
N GLY C 309 -11.14 13.39 23.17
CA GLY C 309 -10.30 13.57 24.35
C GLY C 309 -9.10 12.63 24.45
N ILE C 310 -8.62 12.15 23.31
CA ILE C 310 -7.38 11.38 23.29
C ILE C 310 -6.21 12.23 23.83
N VAL C 311 -5.52 11.74 24.86
CA VAL C 311 -4.48 12.49 25.53
C VAL C 311 -3.12 12.11 24.94
N ALA C 312 -2.35 13.13 24.56
CA ALA C 312 -1.00 12.98 24.06
C ALA C 312 -0.90 12.00 22.88
N PRO C 313 -1.72 12.19 21.84
CA PRO C 313 -1.75 11.30 20.71
C PRO C 313 -0.48 11.34 19.90
N THR C 314 0.04 10.15 19.55
CA THR C 314 1.09 10.01 18.55
C THR C 314 0.46 9.19 17.42
N MET C 315 0.48 9.76 16.21
CA MET C 315 -0.22 9.19 15.10
C MET C 315 0.75 8.66 14.08
N LEU C 316 0.31 7.62 13.39
CA LEU C 316 0.96 7.15 12.20
C LEU C 316 -0.12 6.96 11.17
N VAL C 317 -0.01 7.66 10.03
CA VAL C 317 -1.09 7.64 9.02
C VAL C 317 -0.57 7.27 7.64
N CYS C 318 -1.29 6.38 6.95
CA CYS C 318 -0.92 5.89 5.61
C CYS C 318 -2.22 5.72 4.89
N GLY C 319 -2.55 6.60 3.95
CA GLY C 319 -3.88 6.51 3.35
C GLY C 319 -4.96 6.62 4.43
N ASP C 320 -5.98 5.78 4.37
CA ASP C 320 -7.01 5.72 5.42
C ASP C 320 -6.65 4.79 6.59
N ASP C 321 -5.40 4.35 6.65
CA ASP C 321 -4.92 3.51 7.75
C ASP C 321 -4.22 4.35 8.79
N LEU C 322 -4.66 4.16 10.03
CA LEU C 322 -4.21 4.97 11.16
C LEU C 322 -3.90 4.11 12.39
N ILE C 323 -2.81 4.43 13.08
CA ILE C 323 -2.57 4.00 14.44
C ILE C 323 -2.44 5.26 15.28
N VAL C 324 -3.12 5.25 16.42
CA VAL C 324 -2.88 6.22 17.46
C VAL C 324 -2.44 5.56 18.78
N ILE C 325 -1.29 6.01 19.26
CA ILE C 325 -0.76 5.63 20.54
C ILE C 325 -0.83 6.87 21.41
N SER C 326 -1.44 6.72 22.59
CA SER C 326 -1.77 7.85 23.48
C SER C 326 -1.67 7.46 24.93
N GLU C 327 -1.94 8.42 25.80
CA GLU C 327 -1.91 8.17 27.24
C GLU C 327 -3.24 7.57 27.69
N SER C 328 -3.22 6.35 28.25
CA SER C 328 -4.45 5.72 28.74
C SER C 328 -5.05 6.59 29.86
N GLN C 329 -6.36 6.79 29.80
CA GLN C 329 -7.16 7.38 30.90
C GLN C 329 -7.93 6.32 31.74
N GLY C 330 -7.50 5.06 31.63
CA GLY C 330 -8.18 3.95 32.31
C GLY C 330 -9.04 3.27 31.29
N THR C 331 -9.25 1.96 31.44
CA THR C 331 -9.93 1.27 30.34
C THR C 331 -11.34 1.75 30.13
N GLU C 332 -12.04 2.11 31.21
CA GLU C 332 -13.41 2.62 31.05
C GLU C 332 -13.48 3.92 30.22
N GLU C 333 -12.67 4.91 30.56
CA GLU C 333 -12.69 6.14 29.75
C GLU C 333 -12.11 5.85 28.36
N ASP C 334 -11.02 5.06 28.28
CA ASP C 334 -10.48 4.69 26.96
C ASP C 334 -11.56 4.20 26.04
N GLU C 335 -12.43 3.29 26.51
CA GLU C 335 -13.44 2.69 25.66
C GLU C 335 -14.47 3.75 25.24
N ARG C 336 -14.85 4.61 26.16
CA ARG C 336 -15.78 5.71 25.90
C ARG C 336 -15.12 6.67 24.88
N ASN C 337 -13.87 7.03 25.13
CA ASN C 337 -13.17 7.91 24.18
C ASN C 337 -13.08 7.38 22.78
N LEU C 338 -12.87 6.08 22.67
CA LEU C 338 -12.88 5.43 21.36
C LEU C 338 -14.23 5.44 20.66
N ARG C 339 -15.32 5.29 21.40
CA ARG C 339 -16.63 5.38 20.78
C ARG C 339 -16.86 6.85 20.27
N ALA C 340 -16.44 7.82 21.06
CA ALA C 340 -16.53 9.23 20.67
C ALA C 340 -15.67 9.52 19.43
N PHE C 341 -14.50 8.87 19.37
CA PHE C 341 -13.62 9.00 18.21
C PHE C 341 -14.35 8.52 16.98
N THR C 342 -14.99 7.36 17.09
CA THR C 342 -15.69 6.75 15.97
C THR C 342 -16.92 7.52 15.52
N GLU C 343 -17.65 8.02 16.51
CA GLU C 343 -18.76 8.91 16.29
C GLU C 343 -18.32 10.18 15.50
N ALA C 344 -17.24 10.84 15.92
CA ALA C 344 -16.74 12.04 15.22
C ALA C 344 -16.28 11.70 13.78
N MET C 345 -15.53 10.61 13.62
CA MET C 345 -15.11 10.22 12.30
C MET C 345 -16.32 9.98 11.44
N THR C 346 -17.37 9.40 12.04
CA THR C 346 -18.58 9.08 11.30
C THR C 346 -19.31 10.37 10.87
N ARG C 347 -19.34 11.38 11.75
CA ARG C 347 -19.90 12.70 11.40
C ARG C 347 -19.07 13.30 10.27
N TYR C 348 -17.75 13.13 10.35
CA TYR C 348 -16.84 13.72 9.37
C TYR C 348 -16.84 12.98 8.06
N SER C 349 -17.70 11.96 7.94
CA SER C 349 -17.79 11.13 6.76
C SER C 349 -16.53 10.21 6.54
N ALA C 350 -16.15 9.52 7.61
CA ALA C 350 -15.08 8.53 7.59
C ALA C 350 -15.49 7.33 8.52
N PRO C 351 -16.58 6.65 8.20
CA PRO C 351 -17.10 5.64 9.08
C PRO C 351 -16.24 4.39 9.06
N PRO C 352 -16.25 3.62 10.15
CA PRO C 352 -15.29 2.52 10.31
C PRO C 352 -15.73 1.26 9.61
N GLY C 353 -14.80 0.46 9.11
CA GLY C 353 -15.14 -0.92 8.71
C GLY C 353 -15.46 -1.70 9.98
N ASP C 354 -14.50 -1.72 10.90
CA ASP C 354 -14.71 -2.36 12.20
C ASP C 354 -14.49 -1.34 13.28
N PRO C 355 -15.38 -1.34 14.28
CA PRO C 355 -15.18 -0.32 15.28
C PRO C 355 -13.85 -0.56 15.94
N PRO C 356 -13.12 0.51 16.23
CA PRO C 356 -11.82 0.37 16.84
C PRO C 356 -12.00 -0.03 18.29
N ARG C 357 -10.96 -0.56 18.90
CA ARG C 357 -10.98 -0.78 20.34
C ARG C 357 -9.61 -0.57 20.91
N PRO C 358 -9.53 -0.18 22.18
CA PRO C 358 -8.26 0.11 22.79
C PRO C 358 -7.48 -1.16 23.10
N GLU C 359 -6.17 -1.09 22.93
CA GLU C 359 -5.29 -2.18 23.27
C GLU C 359 -4.14 -1.64 24.06
N TYR C 360 -3.54 -2.54 24.82
CA TYR C 360 -2.51 -2.22 25.75
C TYR C 360 -1.32 -3.14 25.56
N ASP C 361 -1.26 -3.75 24.38
CA ASP C 361 -0.18 -4.62 24.01
C ASP C 361 -0.02 -4.39 22.52
N LEU C 362 1.21 -4.12 22.13
CA LEU C 362 1.49 -3.62 20.80
C LEU C 362 1.29 -4.66 19.73
N GLU C 363 1.40 -5.93 20.11
CA GLU C 363 1.21 -7.03 19.16
C GLU C 363 -0.21 -7.08 18.60
N LEU C 364 -1.18 -6.58 19.36
CA LEU C 364 -2.57 -6.73 19.07
C LEU C 364 -3.10 -5.57 18.18
N ILE C 365 -2.25 -4.69 17.72
CA ILE C 365 -2.70 -3.60 16.87
C ILE C 365 -2.29 -3.90 15.45
N THR C 366 -3.27 -4.03 14.56
CA THR C 366 -3.02 -4.27 13.15
C THR C 366 -3.40 -3.02 12.36
N SER C 367 -2.50 -2.56 11.49
CA SER C 367 -2.75 -1.46 10.53
C SER C 367 -1.90 -1.67 9.28
N CYS C 368 -2.44 -1.22 8.15
CA CYS C 368 -1.84 -1.51 6.87
C CYS C 368 -1.54 -3.01 6.72
N SER C 369 -2.47 -3.83 7.20
CA SER C 369 -2.40 -5.29 7.16
C SER C 369 -1.19 -5.91 7.91
N SER C 370 -0.56 -5.16 8.81
CA SER C 370 0.64 -5.58 9.49
C SER C 370 0.61 -5.23 10.96
N ASN C 371 1.49 -5.89 11.71
CA ASN C 371 1.61 -5.67 13.14
C ASN C 371 3.01 -5.94 13.64
N VAL C 372 3.36 -5.31 14.75
CA VAL C 372 4.63 -5.50 15.36
C VAL C 372 4.55 -6.81 16.19
N SER C 373 5.56 -7.64 16.06
CA SER C 373 5.72 -8.80 16.95
C SER C 373 7.10 -8.81 17.54
N VAL C 374 7.39 -9.84 18.33
CA VAL C 374 8.59 -9.91 19.12
C VAL C 374 9.17 -11.34 19.02
N ALA C 375 10.49 -11.43 18.92
CA ALA C 375 11.21 -12.67 19.09
C ALA C 375 12.56 -12.39 19.79
N LEU C 376 13.38 -13.42 19.97
CA LEU C 376 14.70 -13.28 20.59
C LEU C 376 15.81 -13.28 19.55
N GLY C 377 16.80 -12.41 19.75
CA GLY C 377 17.90 -12.25 18.83
C GLY C 377 19.08 -13.15 19.15
N PRO C 378 20.21 -12.93 18.45
CA PRO C 378 21.34 -13.87 18.59
C PRO C 378 21.93 -13.89 20.01
N ARG C 379 21.82 -12.79 20.75
CA ARG C 379 22.28 -12.72 22.15
C ARG C 379 21.12 -12.85 23.17
N GLY C 380 19.93 -13.27 22.71
CA GLY C 380 18.82 -13.59 23.62
C GLY C 380 18.00 -12.39 24.10
N ARG C 381 18.22 -11.24 23.48
CA ARG C 381 17.45 -10.02 23.71
C ARG C 381 16.16 -10.02 22.87
N ARG C 382 15.11 -9.39 23.41
CA ARG C 382 13.88 -9.17 22.65
C ARG C 382 14.21 -8.35 21.43
N ARG C 383 13.73 -8.81 20.27
CA ARG C 383 13.80 -8.06 19.02
C ARG C 383 12.42 -7.94 18.41
N TYR C 384 12.09 -6.73 18.01
CA TYR C 384 10.75 -6.40 17.49
C TYR C 384 10.89 -6.27 15.98
N TYR C 385 9.84 -6.66 15.28
CA TYR C 385 9.84 -6.64 13.84
C TYR C 385 8.40 -6.59 13.34
N LEU C 386 8.25 -6.32 12.05
CA LEU C 386 6.97 -6.21 11.40
C LEU C 386 6.57 -7.52 10.74
N THR C 387 5.34 -7.95 10.98
CA THR C 387 4.81 -9.18 10.39
C THR C 387 3.38 -8.95 9.94
N ARG C 388 2.78 -10.00 9.43
CA ARG C 388 1.41 -9.94 8.96
C ARG C 388 0.90 -11.35 8.79
N ASP C 389 -0.40 -11.47 8.60
CA ASP C 389 -0.99 -12.77 8.28
C ASP C 389 -0.46 -13.17 6.93
N PRO C 390 0.11 -14.39 6.82
CA PRO C 390 0.72 -14.77 5.55
C PRO C 390 -0.26 -15.30 4.53
N THR C 391 -1.54 -15.28 4.86
CA THR C 391 -2.54 -15.84 3.94
C THR C 391 -2.48 -15.24 2.53
N THR C 392 -2.64 -13.92 2.43
CA THR C 392 -2.59 -13.29 1.13
C THR C 392 -1.26 -13.46 0.43
N PRO C 393 -0.14 -13.28 1.13
CA PRO C 393 1.12 -13.55 0.44
C PRO C 393 1.28 -14.93 -0.13
N LEU C 394 0.78 -15.93 0.59
CA LEU C 394 0.81 -17.31 0.10
C LEU C 394 -0.12 -17.55 -1.09
N ALA C 395 -1.31 -16.97 -1.07
CA ALA C 395 -2.18 -17.04 -2.21
C ALA C 395 -1.57 -16.38 -3.45
N ARG C 396 -0.95 -15.20 -3.27
CA ARG C 396 -0.30 -14.53 -4.39
C ARG C 396 0.92 -15.30 -4.84
N ALA C 397 1.55 -16.01 -3.91
CA ALA C 397 2.70 -16.84 -4.22
C ALA C 397 2.30 -18.01 -5.13
N ALA C 398 1.00 -18.30 -5.22
CA ALA C 398 0.49 -19.38 -6.01
C ALA C 398 -0.37 -18.87 -7.17
N TRP C 399 -0.24 -17.60 -7.54
CA TRP C 399 -0.96 -17.15 -8.71
C TRP C 399 -0.05 -17.34 -9.91
N GLU C 400 -0.41 -18.25 -10.81
CA GLU C 400 0.44 -18.67 -11.91
C GLU C 400 -0.40 -18.83 -13.12
N THR C 401 -0.16 -18.01 -14.12
CA THR C 401 -0.95 -18.08 -15.37
C THR C 401 -0.01 -17.90 -16.54
N VAL C 402 -0.51 -18.02 -17.75
CA VAL C 402 0.32 -17.68 -18.94
C VAL C 402 0.92 -16.27 -18.82
N ARG C 403 0.13 -15.34 -18.34
CA ARG C 403 0.54 -13.93 -18.30
C ARG C 403 1.34 -13.56 -17.04
N HIS C 404 1.32 -14.39 -15.99
CA HIS C 404 1.86 -13.98 -14.70
C HIS C 404 2.65 -15.08 -13.96
N SER C 405 3.89 -14.75 -13.61
CA SER C 405 4.75 -15.54 -12.77
C SER C 405 4.68 -14.99 -11.34
N PRO C 406 4.56 -15.86 -10.36
CA PRO C 406 4.51 -15.42 -8.97
C PRO C 406 5.90 -15.19 -8.33
N ILE C 407 6.98 -15.37 -9.07
CA ILE C 407 8.31 -15.32 -8.47
C ILE C 407 8.62 -13.94 -7.88
N ASN C 408 8.19 -12.90 -8.59
CA ASN C 408 8.39 -11.54 -8.09
C ASN C 408 7.66 -11.30 -6.76
N SER C 409 6.49 -11.91 -6.64
CA SER C 409 5.70 -11.86 -5.41
C SER C 409 6.49 -12.47 -4.24
N TRP C 410 7.08 -13.65 -4.46
CA TRP C 410 7.84 -14.32 -3.43
C TRP C 410 8.97 -13.36 -2.97
N LEU C 411 9.64 -12.79 -3.96
CA LEU C 411 10.77 -11.89 -3.70
C LEU C 411 10.35 -10.68 -2.88
N GLY C 412 9.27 -10.04 -3.27
CA GLY C 412 8.76 -8.86 -2.54
C GLY C 412 8.47 -9.16 -1.07
N ASN C 413 7.83 -10.28 -0.81
CA ASN C 413 7.61 -10.71 0.58
C ASN C 413 8.87 -11.08 1.31
N ILE C 414 9.85 -11.69 0.63
CA ILE C 414 11.09 -12.05 1.31
C ILE C 414 11.81 -10.79 1.81
N ILE C 415 11.80 -9.74 0.99
CA ILE C 415 12.49 -8.49 1.30
C ILE C 415 11.80 -7.74 2.42
N GLN C 416 10.52 -7.47 2.23
CA GLN C 416 9.72 -6.76 3.20
C GLN C 416 9.57 -7.46 4.57
N TYR C 417 9.50 -8.78 4.57
CA TYR C 417 9.18 -9.56 5.76
C TYR C 417 10.25 -10.58 6.12
N ALA C 418 11.49 -10.28 5.71
CA ALA C 418 12.65 -11.16 5.94
C ALA C 418 12.78 -11.70 7.35
N PRO C 419 12.48 -10.91 8.38
CA PRO C 419 12.68 -11.50 9.71
C PRO C 419 11.59 -12.44 10.19
N THR C 420 10.49 -12.54 9.43
CA THR C 420 9.36 -13.36 9.89
C THR C 420 9.63 -14.85 9.78
N ILE C 421 8.95 -15.63 10.62
CA ILE C 421 9.09 -17.09 10.59
C ILE C 421 8.54 -17.66 9.29
N TRP C 422 7.47 -17.08 8.76
CA TRP C 422 6.86 -17.58 7.52
C TRP C 422 7.70 -17.30 6.27
N VAL C 423 8.38 -16.15 6.21
CA VAL C 423 9.30 -15.91 5.12
C VAL C 423 10.53 -16.82 5.22
N ARG C 424 11.10 -16.91 6.41
CA ARG C 424 12.38 -17.62 6.58
C ARG C 424 12.21 -19.11 6.34
N MET C 425 11.15 -19.68 6.88
CA MET C 425 10.98 -21.13 6.82
C MET C 425 10.33 -21.58 5.54
N VAL C 426 9.34 -20.82 5.07
CA VAL C 426 8.57 -21.20 3.92
C VAL C 426 8.99 -20.51 2.62
N LEU C 427 8.82 -19.19 2.55
CA LEU C 427 9.07 -18.55 1.26
C LEU C 427 10.52 -18.56 0.80
N MET C 428 11.47 -18.34 1.71
CA MET C 428 12.88 -18.38 1.32
C MET C 428 13.25 -19.77 0.83
N THR C 429 12.81 -20.76 1.58
CA THR C 429 13.06 -22.17 1.22
C THR C 429 12.53 -22.49 -0.19
N HIS C 430 11.27 -22.13 -0.46
CA HIS C 430 10.67 -22.37 -1.76
C HIS C 430 11.37 -21.61 -2.90
N PHE C 431 11.59 -20.32 -2.71
CA PHE C 431 12.24 -19.44 -3.70
C PHE C 431 13.60 -19.97 -4.16
N PHE C 432 14.44 -20.27 -3.20
CA PHE C 432 15.80 -20.76 -3.48
C PHE C 432 15.80 -22.15 -4.09
N SER C 433 14.90 -23.01 -3.63
CA SER C 433 14.76 -24.33 -4.23
C SER C 433 14.37 -24.26 -5.69
N ILE C 434 13.35 -23.45 -6.01
CA ILE C 434 12.88 -23.30 -7.34
C ILE C 434 13.97 -22.71 -8.27
N LEU C 435 14.56 -21.59 -7.86
CA LEU C 435 15.60 -20.97 -8.70
C LEU C 435 16.81 -21.88 -8.88
N MET C 436 17.20 -22.59 -7.85
CA MET C 436 18.35 -23.50 -7.99
C MET C 436 18.05 -24.55 -9.03
N VAL C 437 16.87 -25.16 -8.92
CA VAL C 437 16.51 -26.26 -9.81
C VAL C 437 16.37 -25.73 -11.23
N GLN C 438 15.84 -24.53 -11.39
CA GLN C 438 15.85 -23.83 -12.67
C GLN C 438 17.21 -23.40 -13.17
N ASP C 439 18.21 -23.38 -12.29
CA ASP C 439 19.53 -22.78 -12.59
C ASP C 439 19.42 -21.27 -13.02
N THR C 440 18.60 -20.53 -12.28
CA THR C 440 18.39 -19.10 -12.58
C THR C 440 18.70 -18.28 -11.34
N LEU C 441 19.49 -18.81 -10.42
CA LEU C 441 19.78 -18.10 -9.18
C LEU C 441 20.37 -16.72 -9.45
N ASP C 442 21.18 -16.62 -10.49
CA ASP C 442 21.94 -15.40 -10.71
C ASP C 442 21.25 -14.47 -11.68
N GLN C 443 19.99 -14.74 -12.04
CA GLN C 443 19.22 -13.84 -12.91
C GLN C 443 18.49 -12.80 -12.05
N ASN C 444 18.62 -11.52 -12.40
CA ASN C 444 17.90 -10.48 -11.69
C ASN C 444 16.37 -10.59 -11.82
N LEU C 445 15.69 -10.17 -10.77
CA LEU C 445 14.23 -10.17 -10.68
C LEU C 445 13.78 -8.78 -10.32
N ASN C 446 12.53 -8.44 -10.63
CA ASN C 446 11.94 -7.17 -10.19
C ASN C 446 11.27 -7.25 -8.83
N PHE C 447 11.63 -6.33 -7.95
CA PHE C 447 10.95 -6.12 -6.68
C PHE C 447 10.09 -4.86 -6.87
N GLU C 448 8.78 -5.03 -6.73
CA GLU C 448 7.82 -3.96 -6.97
C GLU C 448 7.34 -3.36 -5.64
N MET C 449 7.47 -2.03 -5.48
CA MET C 449 7.00 -1.38 -4.26
C MET C 449 6.47 0.02 -4.54
N TYR C 450 5.25 0.28 -4.08
CA TYR C 450 4.60 1.58 -4.25
C TYR C 450 4.54 2.01 -5.70
N GLY C 451 4.41 1.04 -6.61
CA GLY C 451 4.43 1.34 -8.04
C GLY C 451 5.82 1.38 -8.67
N SER C 452 6.86 1.70 -7.90
CA SER C 452 8.25 1.63 -8.38
C SER C 452 8.74 0.19 -8.47
N VAL C 453 9.73 -0.03 -9.33
CA VAL C 453 10.26 -1.38 -9.58
C VAL C 453 11.77 -1.33 -9.42
N TYR C 454 12.30 -2.30 -8.69
CA TYR C 454 13.73 -2.35 -8.43
C TYR C 454 14.26 -3.70 -8.90
N SER C 455 15.38 -3.69 -9.62
CA SER C 455 15.99 -4.92 -10.10
C SER C 455 16.90 -5.46 -9.02
N VAL C 456 16.63 -6.70 -8.60
CA VAL C 456 17.37 -7.31 -7.51
C VAL C 456 17.93 -8.63 -7.93
N ASN C 457 19.18 -8.90 -7.54
CA ASN C 457 19.75 -10.21 -7.74
C ASN C 457 19.51 -11.07 -6.52
N PRO C 458 18.95 -12.28 -6.71
CA PRO C 458 18.70 -13.20 -5.60
C PRO C 458 19.91 -13.44 -4.72
N LEU C 459 21.10 -13.54 -5.33
CA LEU C 459 22.32 -13.78 -4.56
C LEU C 459 22.81 -12.59 -3.72
N ASP C 460 22.21 -11.40 -3.88
CA ASP C 460 22.51 -10.27 -3.02
C ASP C 460 21.54 -10.15 -1.82
N LEU C 461 20.58 -11.06 -1.70
CA LEU C 461 19.61 -10.96 -0.59
C LEU C 461 20.23 -10.86 0.83
N PRO C 462 21.27 -11.66 1.13
CA PRO C 462 21.79 -11.51 2.48
C PRO C 462 22.23 -10.07 2.78
N ALA C 463 22.92 -9.41 1.83
CA ALA C 463 23.36 -8.02 2.04
C ALA C 463 22.19 -7.09 2.18
N ILE C 464 21.20 -7.27 1.31
CA ILE C 464 20.01 -6.47 1.24
C ILE C 464 19.23 -6.57 2.55
N ILE C 465 19.08 -7.80 3.05
CA ILE C 465 18.35 -8.04 4.28
C ILE C 465 19.09 -7.45 5.48
N GLU C 466 20.39 -7.70 5.56
CA GLU C 466 21.15 -7.07 6.65
C GLU C 466 20.97 -5.54 6.66
N ARG C 467 21.00 -4.93 5.49
CA ARG C 467 20.87 -3.48 5.39
C ARG C 467 19.50 -3.00 5.85
N LEU C 468 18.47 -3.69 5.40
CA LEU C 468 17.12 -3.27 5.65
C LEU C 468 16.61 -3.63 7.06
N HIS C 469 17.00 -4.81 7.55
CA HIS C 469 16.44 -5.34 8.80
C HIS C 469 17.47 -5.62 9.85
N GLY C 470 18.75 -5.51 9.50
CA GLY C 470 19.79 -5.84 10.45
C GLY C 470 20.16 -7.30 10.47
N LEU C 471 21.30 -7.54 11.07
CA LEU C 471 21.87 -8.87 11.15
C LEU C 471 21.03 -9.78 12.05
N ASP C 472 20.23 -9.21 12.93
CA ASP C 472 19.31 -9.96 13.77
C ASP C 472 18.29 -10.80 12.98
N ALA C 473 18.02 -10.38 11.77
CA ALA C 473 17.03 -11.00 10.89
C ALA C 473 17.42 -12.44 10.54
N PHE C 474 18.70 -12.78 10.70
CA PHE C 474 19.20 -14.14 10.46
C PHE C 474 19.25 -15.00 11.72
N SER C 475 18.92 -14.48 12.89
CA SER C 475 19.02 -15.28 14.13
C SER C 475 17.83 -15.17 15.07
N MET C 476 16.72 -14.62 14.60
CA MET C 476 15.49 -14.62 15.38
C MET C 476 15.06 -16.05 15.69
N HIS C 477 14.69 -16.29 16.94
CA HIS C 477 14.11 -17.56 17.40
C HIS C 477 13.12 -17.30 18.52
N THR C 478 12.35 -18.32 18.92
CA THR C 478 11.34 -18.20 19.96
C THR C 478 10.35 -17.10 19.57
N TYR C 479 9.67 -17.34 18.45
CA TYR C 479 8.63 -16.47 17.97
C TYR C 479 7.42 -16.58 18.87
N SER C 480 6.51 -15.62 18.77
CA SER C 480 5.41 -15.50 19.72
C SER C 480 4.31 -16.53 19.45
N HIS C 481 3.54 -16.82 20.48
CA HIS C 481 2.38 -17.68 20.37
C HIS C 481 1.46 -17.25 19.22
N HIS C 482 1.11 -15.96 19.21
CA HIS C 482 0.27 -15.41 18.10
C HIS C 482 0.78 -15.74 16.75
N GLU C 483 2.06 -15.55 16.58
CA GLU C 483 2.67 -15.69 15.30
C GLU C 483 2.78 -17.17 14.90
N LEU C 484 3.22 -18.02 15.84
CA LEU C 484 3.26 -19.47 15.56
C LEU C 484 1.90 -20.04 15.20
N THR C 485 0.90 -19.62 15.95
CA THR C 485 -0.46 -20.04 15.74
C THR C 485 -0.97 -19.60 14.38
N ARG C 486 -0.74 -18.33 14.06
CA ARG C 486 -1.27 -17.75 12.83
C ARG C 486 -0.60 -18.40 11.65
N VAL C 487 0.73 -18.59 11.72
CA VAL C 487 1.43 -19.18 10.60
C VAL C 487 0.99 -20.63 10.38
N ALA C 488 0.91 -21.41 11.46
CA ALA C 488 0.56 -22.83 11.32
C ALA C 488 -0.83 -22.95 10.71
N SER C 489 -1.74 -22.08 11.15
CA SER C 489 -3.10 -22.10 10.69
C SER C 489 -3.21 -21.73 9.21
N ALA C 490 -2.47 -20.72 8.80
CA ALA C 490 -2.51 -20.30 7.41
C ALA C 490 -1.98 -21.44 6.48
N LEU C 491 -0.90 -22.08 6.89
CA LEU C 491 -0.34 -23.19 6.12
C LEU C 491 -1.37 -24.33 6.00
N ARG C 492 -2.03 -24.69 7.10
CA ARG C 492 -3.10 -25.72 7.04
C ARG C 492 -4.19 -25.29 6.07
N LYS C 493 -4.59 -24.04 6.17
CA LYS C 493 -5.71 -23.51 5.38
C LYS C 493 -5.46 -23.54 3.86
N LEU C 494 -4.21 -23.35 3.45
CA LEU C 494 -3.84 -23.39 2.05
C LEU C 494 -3.30 -24.74 1.59
N GLY C 495 -3.24 -25.69 2.50
CA GLY C 495 -2.76 -27.03 2.17
C GLY C 495 -1.26 -27.09 1.93
N ALA C 496 -0.50 -26.29 2.71
CA ALA C 496 0.92 -26.27 2.55
C ALA C 496 1.53 -27.20 3.58
N PRO C 497 2.75 -27.63 3.35
CA PRO C 497 3.35 -28.43 4.44
C PRO C 497 3.52 -27.61 5.72
N PRO C 498 3.52 -28.29 6.88
CA PRO C 498 3.73 -27.59 8.13
C PRO C 498 5.20 -27.20 8.31
N LEU C 499 5.45 -26.32 9.25
CA LEU C 499 6.78 -25.81 9.49
C LEU C 499 7.89 -26.87 9.65
N ARG C 500 7.60 -27.99 10.29
CA ARG C 500 8.64 -29.02 10.44
C ARG C 500 9.09 -29.61 9.13
N VAL C 501 8.18 -29.71 8.15
CA VAL C 501 8.55 -30.20 6.82
C VAL C 501 9.40 -29.17 6.11
N TRP C 502 9.02 -27.91 6.25
CA TRP C 502 9.84 -26.82 5.74
C TRP C 502 11.26 -26.83 6.31
N LYS C 503 11.38 -27.10 7.59
CA LYS C 503 12.72 -27.18 8.19
C LYS C 503 13.55 -28.26 7.46
N SER C 504 12.99 -29.46 7.23
CA SER C 504 13.71 -30.50 6.45
C SER C 504 14.02 -30.07 5.05
N ARG C 505 13.08 -29.41 4.36
CA ARG C 505 13.40 -28.93 2.99
C ARG C 505 14.55 -27.93 3.05
N ALA C 506 14.51 -27.04 4.04
CA ALA C 506 15.53 -25.97 4.16
C ALA C 506 16.96 -26.53 4.41
N ARG C 507 17.08 -27.58 5.21
CA ARG C 507 18.37 -28.25 5.39
C ARG C 507 19.00 -28.65 4.08
N ALA C 508 18.19 -29.23 3.20
CA ALA C 508 18.69 -29.67 1.93
C ALA C 508 18.93 -28.49 0.98
N VAL C 509 18.07 -27.47 1.03
CA VAL C 509 18.32 -26.27 0.22
C VAL C 509 19.61 -25.62 0.68
N ARG C 510 19.79 -25.52 1.99
CA ARG C 510 21.01 -24.92 2.52
C ARG C 510 22.29 -25.65 2.02
N ALA C 511 22.30 -26.97 2.15
CA ALA C 511 23.44 -27.79 1.71
C ALA C 511 23.70 -27.60 0.20
N SER C 512 22.65 -27.56 -0.62
CA SER C 512 22.86 -27.33 -2.07
C SER C 512 23.46 -25.98 -2.37
N LEU C 513 23.02 -24.97 -1.64
CA LEU C 513 23.55 -23.61 -1.86
C LEU C 513 25.02 -23.56 -1.48
N ILE C 514 25.33 -24.09 -0.31
CA ILE C 514 26.68 -24.10 0.19
C ILE C 514 27.61 -24.81 -0.80
N SER C 515 27.19 -25.99 -1.26
CA SER C 515 27.97 -26.77 -2.20
C SER C 515 28.31 -25.97 -3.45
N ARG C 516 27.54 -24.94 -3.77
CA ARG C 516 27.85 -24.17 -4.97
C ARG C 516 28.94 -23.14 -4.76
N GLY C 517 29.27 -22.86 -3.49
CA GLY C 517 30.27 -21.83 -3.17
C GLY C 517 29.82 -20.43 -3.52
N GLY C 518 30.75 -19.48 -3.45
CA GLY C 518 30.50 -18.11 -3.87
C GLY C 518 29.33 -17.45 -3.15
N LYS C 519 28.62 -16.59 -3.86
CA LYS C 519 27.51 -15.87 -3.23
C LYS C 519 26.38 -16.81 -2.82
N ALA C 520 26.19 -17.90 -3.56
CA ALA C 520 25.18 -18.90 -3.21
C ALA C 520 25.43 -19.45 -1.82
N ALA C 521 26.68 -19.80 -1.55
CA ALA C 521 27.02 -20.35 -0.24
C ALA C 521 26.80 -19.35 0.88
N VAL C 522 27.00 -18.05 0.62
CA VAL C 522 26.66 -17.00 1.58
C VAL C 522 25.14 -17.02 1.84
N CYS C 523 24.33 -17.19 0.79
CA CYS C 523 22.87 -17.29 0.99
C CYS C 523 22.55 -18.45 1.88
N GLY C 524 23.21 -19.58 1.65
CA GLY C 524 22.96 -20.75 2.46
C GLY C 524 23.31 -20.54 3.93
N ARG C 525 24.48 -19.98 4.17
CA ARG C 525 24.92 -19.81 5.55
C ARG C 525 24.10 -18.78 6.32
N TYR C 526 23.76 -17.68 5.68
CA TYR C 526 23.11 -16.58 6.37
C TYR C 526 21.58 -16.78 6.44
N LEU C 527 20.96 -17.11 5.30
CA LEU C 527 19.51 -17.16 5.23
C LEU C 527 18.95 -18.42 5.87
N PHE C 528 19.75 -19.48 5.97
CA PHE C 528 19.24 -20.73 6.54
C PHE C 528 19.99 -21.28 7.76
N ASN C 529 20.66 -20.39 8.50
CA ASN C 529 21.31 -20.75 9.77
C ASN C 529 20.28 -21.23 10.80
N TRP C 530 19.03 -20.79 10.65
CA TRP C 530 17.95 -21.29 11.48
C TRP C 530 17.69 -22.78 11.30
N ALA C 531 18.00 -23.34 10.14
CA ALA C 531 17.61 -24.72 9.85
C ALA C 531 18.57 -25.78 10.42
N VAL C 532 19.75 -25.38 10.88
CA VAL C 532 20.75 -26.39 11.33
C VAL C 532 20.93 -26.46 12.85
N LYS C 533 21.28 -27.65 13.32
CA LYS C 533 21.49 -27.90 14.76
C LYS C 533 22.60 -27.00 15.34
N THR C 534 23.78 -27.03 14.73
CA THR C 534 24.90 -26.24 15.22
C THR C 534 25.01 -24.93 14.44
N LYS C 535 24.56 -23.86 15.07
CA LYS C 535 24.53 -22.55 14.43
C LYS C 535 25.92 -22.11 14.03
N LEU C 536 26.01 -21.33 12.96
CA LEU C 536 27.24 -20.66 12.60
C LEU C 536 27.24 -19.25 13.20
N LYS C 537 28.44 -18.71 13.40
CA LYS C 537 28.59 -17.32 13.85
C LYS C 537 28.50 -16.43 12.63
N LEU C 538 27.48 -15.56 12.58
CA LEU C 538 27.24 -14.73 11.41
C LEU C 538 27.75 -13.34 11.65
N THR C 539 28.66 -12.89 10.81
CA THR C 539 29.28 -11.60 10.98
C THR C 539 28.74 -10.62 9.95
N PRO C 540 28.82 -9.33 10.26
CA PRO C 540 28.40 -8.27 9.37
C PRO C 540 28.95 -8.47 7.97
N LEU C 541 28.11 -8.35 6.95
CA LEU C 541 28.55 -8.44 5.57
C LEU C 541 29.06 -7.08 5.12
N PRO C 542 30.30 -7.02 4.62
CA PRO C 542 30.87 -5.80 4.06
C PRO C 542 29.98 -5.14 2.98
N GLU C 543 29.42 -5.95 2.08
CA GLU C 543 28.59 -5.44 0.97
C GLU C 543 27.34 -4.67 1.46
N ALA C 544 26.89 -4.97 2.68
CA ALA C 544 25.70 -4.34 3.23
C ALA C 544 25.97 -2.88 3.60
N ARG C 545 27.18 -2.60 4.08
CA ARG C 545 27.60 -1.23 4.38
C ARG C 545 27.54 -0.36 3.10
N LEU C 546 27.87 -0.96 1.96
CA LEU C 546 27.96 -0.28 0.68
C LEU C 546 26.59 0.02 0.06
N LEU C 547 25.51 -0.54 0.63
CA LEU C 547 24.19 -0.42 0.02
C LEU C 547 23.43 0.85 0.42
N ASP C 548 22.75 1.48 -0.55
CA ASP C 548 21.80 2.57 -0.26
C ASP C 548 20.38 2.18 -0.75
N LEU C 549 19.54 1.75 0.19
CA LEU C 549 18.16 1.36 -0.11
C LEU C 549 17.09 2.45 0.21
N SER C 550 17.55 3.69 0.41
CA SER C 550 16.67 4.85 0.78
C SER C 550 15.33 4.93 0.07
N SER C 551 15.36 4.84 -1.26
CA SER C 551 14.16 5.10 -2.06
C SER C 551 13.09 4.00 -1.97
N TRP C 552 13.49 2.83 -1.49
CA TRP C 552 12.65 1.65 -1.54
C TRP C 552 11.36 1.84 -0.77
N PHE C 553 11.48 2.43 0.42
CA PHE C 553 10.36 2.60 1.32
C PHE C 553 10.01 4.07 1.64
N THR C 554 10.50 5.02 0.84
CA THR C 554 10.16 6.44 1.08
C THR C 554 9.16 6.96 0.07
MN MN D . -6.99 1.06 4.63
MN MN E . -10.52 1.39 4.27
CL CL F . 20.07 -10.18 20.66
N1 UDP G . -6.66 2.53 -2.80
C2 UDP G . -6.34 2.69 -4.16
N3 UDP G . -6.01 1.62 -4.90
C4 UDP G . -5.96 0.37 -4.36
C5 UDP G . -6.28 0.19 -3.00
C6 UDP G . -6.64 1.30 -2.23
O2 UDP G . -6.38 3.83 -4.67
O4 UDP G . -5.63 -0.59 -5.09
C1' UDP G . -7.08 3.73 -2.09
C2' UDP G . -8.57 3.93 -2.39
O2' UDP G . -8.86 5.36 -2.52
C3' UDP G . -9.24 3.28 -1.18
C4' UDP G . -8.28 3.71 -0.09
O4' UDP G . -6.96 3.65 -0.69
O3' UDP G . -10.64 3.71 -0.94
C5' UDP G . -8.30 2.85 1.18
O5' UDP G . -8.13 1.46 0.80
PA UDP G . -8.58 0.26 1.81
O1A UDP G . -8.64 0.77 3.23
O2A UDP G . -7.64 -0.88 1.49
O3A UDP G . -10.01 -0.15 1.15
PB UDP G . -11.40 0.77 1.15
O1B UDP G . -11.24 1.70 2.33
O2B UDP G . -12.46 -0.30 1.29
O3B UDP G . -11.45 1.34 -0.26
C1 PG6 H . -13.91 4.70 -22.85
O1 PG6 H . -13.37 6.04 -22.91
C2 PG6 H . -13.79 6.92 -21.86
C3 PG6 H . -12.74 8.00 -21.59
O2 PG6 H . -12.83 9.06 -22.55
C4 PG6 H . -11.73 9.99 -22.41
C5 PG6 H . -11.77 11.14 -23.43
O3 PG6 H . -12.61 10.84 -24.55
C6 PG6 H . -11.94 10.34 -25.71
C7 PG6 H . -12.81 10.57 -26.95
O4 PG6 H . -13.22 9.33 -27.54
C8 PG6 H . -14.62 9.05 -27.42
C9 PG6 H . -14.92 7.55 -27.59
O5 PG6 H . -15.36 6.95 -26.37
C10 PG6 H . -16.66 7.38 -25.93
C11 PG6 H . -16.64 7.81 -24.46
O6 PG6 H . -16.10 9.13 -24.27
C12 PG6 H . -17.07 10.17 -24.08
C1 B3P I . 7.23 1.50 31.20
C2 B3P I . 7.84 2.89 30.93
C3 B3P I . 5.72 1.39 31.01
N1 B3P I . 5.24 0.96 29.68
C4 B3P I . 4.94 -0.38 29.18
C5 B3P I . 3.61 -0.37 28.43
C6 B3P I . 6.05 -0.84 28.19
C7 B3P I . 4.87 -1.40 30.32
N2 B3P I . 7.62 3.91 31.97
C8 B3P I . 8.68 4.72 32.59
C9 B3P I . 8.11 6.02 33.17
C10 B3P I . 9.76 5.11 31.58
C11 B3P I . 9.26 3.88 33.76
O1 B3P I . 9.11 6.66 33.97
O2 B3P I . 10.96 4.37 31.75
O3 B3P I . 8.31 3.74 34.84
O4 B3P I . 3.30 -1.67 27.81
O5 B3P I . 6.22 0.20 27.21
O6 B3P I . 3.68 -1.28 31.10
#